data_2HDO
#
_entry.id   2HDO
#
_cell.length_a   86.890
_cell.length_b   86.890
_cell.length_c   47.190
_cell.angle_alpha   90.000
_cell.angle_beta   90.000
_cell.angle_gamma   120.000
#
_symmetry.space_group_name_H-M   'P 61'
#
loop_
_entity.id
_entity.type
_entity.pdbx_description
1 polymer 'Phosphoglycolate phosphatase'
2 non-polymer 'PHOSPHATE ION'
3 water water
#
_entity_poly.entity_id   1
_entity_poly.type   'polypeptide(L)'
_entity_poly.pdbx_seq_one_letter_code
;G(MSE)TYQAL(MSE)FDIDGTLTNSQPAYTTV(MSE)REVLATYGKPFSPAQAQKTFP(MSE)AAEQA(MSE)TELGIA
ASEFDHFQAQYEDV(MSE)ASHYDQIELYPGITSLFEQLPSELRLGIVTSQRRNELESG(MSE)RSYPF(MSE)(MSE)R
(MSE)AVTISADDTPKRKPDPLPLLTALEKVNVAPQNALFIGDSVSDEQTAQAANVDFGLAVWG(MSE)DPNADHQKVAH
RFQKPLDILELFK
;
_entity_poly.pdbx_strand_id   A
#
# COMPACT_ATOMS: atom_id res chain seq x y z
N THR A 3 3.05 -24.00 2.25
CA THR A 3 2.85 -22.61 1.80
C THR A 3 2.35 -21.69 2.94
N TYR A 4 1.87 -20.51 2.60
CA TYR A 4 1.58 -19.49 3.60
C TYR A 4 0.22 -19.66 4.27
N GLN A 5 0.14 -19.23 5.54
CA GLN A 5 -1.10 -19.16 6.30
C GLN A 5 -1.81 -17.80 6.18
N ALA A 6 -1.04 -16.76 5.86
CA ALA A 6 -1.59 -15.44 5.72
C ALA A 6 -0.99 -14.70 4.55
N LEU A 7 -1.83 -13.89 3.93
CA LEU A 7 -1.43 -12.95 2.90
C LEU A 7 -1.86 -11.57 3.33
N PHE A 9 -1.75 -7.47 2.22
CA PHE A 9 -1.66 -6.69 1.02
C PHE A 9 -1.53 -5.20 1.36
N ASP A 10 -0.66 -4.52 0.63
CA ASP A 10 -0.76 -3.04 0.48
C ASP A 10 -1.91 -2.68 -0.47
N ILE A 11 -2.39 -1.43 -0.48
CA ILE A 11 -3.48 -1.06 -1.34
C ILE A 11 -2.97 -0.37 -2.60
N ASP A 12 -2.32 0.75 -2.40
CA ASP A 12 -1.97 1.63 -3.53
C ASP A 12 -0.89 1.03 -4.39
N GLY A 13 -1.14 0.87 -5.68
CA GLY A 13 -0.16 0.23 -6.57
C GLY A 13 -0.13 -1.28 -6.54
N THR A 14 -1.05 -1.88 -5.78
CA THR A 14 -1.11 -3.34 -5.62
C THR A 14 -2.53 -3.81 -5.89
N LEU A 15 -3.49 -3.38 -5.07
CA LEU A 15 -4.90 -3.68 -5.28
C LEU A 15 -5.52 -2.63 -6.19
N THR A 16 -5.22 -1.37 -5.91
CA THR A 16 -5.78 -0.27 -6.68
C THR A 16 -4.76 0.41 -7.54
N ASN A 17 -5.25 0.80 -8.71
CA ASN A 17 -4.49 1.58 -9.66
C ASN A 17 -4.71 3.06 -9.35
N SER A 18 -4.08 3.50 -8.27
CA SER A 18 -4.32 4.84 -7.72
C SER A 18 -3.37 5.97 -8.14
N GLN A 19 -2.32 5.67 -8.89
CA GLN A 19 -1.35 6.67 -9.25
C GLN A 19 -2.00 7.79 -10.04
N PRO A 20 -2.89 7.48 -10.99
CA PRO A 20 -3.53 8.62 -11.67
C PRO A 20 -4.25 9.61 -10.74
N ALA A 21 -5.10 9.11 -9.84
CA ALA A 21 -5.80 9.98 -8.86
C ALA A 21 -4.81 10.71 -7.96
N TYR A 22 -3.78 9.99 -7.49
CA TYR A 22 -2.72 10.60 -6.69
C TYR A 22 -2.11 11.78 -7.39
N THR A 23 -1.86 11.60 -8.67
CA THR A 23 -1.21 12.63 -9.46
C THR A 23 -2.06 13.89 -9.46
N THR A 24 -3.35 13.74 -9.78
CA THR A 24 -4.30 14.86 -9.85
C THR A 24 -4.37 15.58 -8.48
N VAL A 25 -4.44 14.80 -7.42
CA VAL A 25 -4.66 15.35 -6.10
C VAL A 25 -3.38 16.07 -5.68
N ARG A 27 -1.06 17.39 -7.44
CA ARG A 27 -0.84 18.60 -8.26
C ARG A 27 -1.68 19.72 -7.69
N GLU A 28 -2.89 19.39 -7.29
CA GLU A 28 -3.83 20.37 -6.76
C GLU A 28 -3.33 20.92 -5.41
N VAL A 29 -2.91 20.05 -4.50
CA VAL A 29 -2.29 20.49 -3.24
C VAL A 29 -1.04 21.31 -3.47
N LEU A 30 -0.16 20.83 -4.34
CA LEU A 30 1.10 21.50 -4.56
C LEU A 30 0.96 22.90 -5.10
N ALA A 31 -0.10 23.16 -5.85
CA ALA A 31 -0.37 24.50 -6.34
C ALA A 31 -0.50 25.52 -5.19
N THR A 32 -1.01 25.09 -4.03
CA THR A 32 -1.17 26.01 -2.87
C THR A 32 0.17 26.29 -2.12
N TYR A 33 1.22 25.60 -2.54
CA TYR A 33 2.60 25.78 -2.06
C TYR A 33 3.46 26.33 -3.19
N GLY A 34 2.83 26.78 -4.28
CA GLY A 34 3.51 27.42 -5.37
C GLY A 34 4.40 26.51 -6.18
N LYS A 35 4.03 25.23 -6.26
CA LYS A 35 4.86 24.24 -6.91
C LYS A 35 4.08 23.48 -7.98
N PRO A 36 4.73 23.16 -9.11
CA PRO A 36 4.12 22.29 -10.11
C PRO A 36 4.33 20.85 -9.68
N PHE A 37 3.84 19.91 -10.48
CA PHE A 37 4.00 18.49 -10.21
C PHE A 37 4.08 17.79 -11.56
N SER A 38 5.30 17.47 -11.99
CA SER A 38 5.51 16.77 -13.23
C SER A 38 5.16 15.28 -13.12
N PRO A 39 4.88 14.66 -14.27
CA PRO A 39 4.74 13.21 -14.36
C PRO A 39 5.89 12.42 -13.75
N ALA A 40 7.13 12.86 -14.03
CA ALA A 40 8.32 12.27 -13.41
C ALA A 40 8.24 12.33 -11.89
N GLN A 41 7.85 13.48 -11.37
CA GLN A 41 7.74 13.66 -9.92
C GLN A 41 6.64 12.79 -9.32
N ALA A 42 5.55 12.64 -10.05
CA ALA A 42 4.44 11.77 -9.63
C ALA A 42 4.88 10.31 -9.56
N GLN A 43 5.60 9.86 -10.60
CA GLN A 43 6.14 8.50 -10.61
C GLN A 43 7.12 8.25 -9.47
N LYS A 44 7.98 9.21 -9.23
CA LYS A 44 8.99 9.12 -8.17
C LYS A 44 8.38 9.07 -6.80
N THR A 45 7.40 9.94 -6.53
CA THR A 45 6.89 10.11 -5.16
C THR A 45 5.74 9.17 -4.77
N PHE A 46 5.05 8.61 -5.75
CA PHE A 46 3.90 7.78 -5.47
C PHE A 46 4.14 6.67 -4.46
N PRO A 47 5.22 5.88 -4.62
CA PRO A 47 5.48 4.77 -3.70
C PRO A 47 6.11 5.16 -2.35
N ALA A 49 6.67 6.96 1.43
CA ALA A 49 5.96 7.45 2.61
C ALA A 49 5.76 8.94 2.46
N ALA A 50 4.69 9.47 3.00
CA ALA A 50 4.37 10.88 2.81
C ALA A 50 5.48 11.80 3.28
N GLU A 51 6.09 11.46 4.41
CA GLU A 51 7.18 12.28 4.99
C GLU A 51 8.36 12.36 3.98
N GLN A 52 8.70 11.25 3.33
CA GLN A 52 9.74 11.25 2.32
C GLN A 52 9.36 12.06 1.07
N ALA A 53 8.15 11.84 0.59
CA ALA A 53 7.69 12.55 -0.59
C ALA A 53 7.65 14.06 -0.35
N THR A 55 9.35 15.74 1.71
CA THR A 55 10.73 16.18 1.79
C THR A 55 11.31 16.31 0.37
N GLU A 56 11.10 15.29 -0.45
CA GLU A 56 11.65 15.26 -1.78
C GLU A 56 11.14 16.44 -2.60
N LEU A 57 9.89 16.81 -2.37
CA LEU A 57 9.26 17.92 -3.10
C LEU A 57 9.61 19.31 -2.56
N GLY A 58 10.35 19.37 -1.47
CA GLY A 58 10.82 20.64 -0.93
C GLY A 58 9.79 21.43 -0.15
N ILE A 59 8.77 20.75 0.34
CA ILE A 59 7.79 21.38 1.22
C ILE A 59 8.45 21.80 2.53
N ALA A 60 8.17 23.02 2.98
CA ALA A 60 8.65 23.49 4.28
C ALA A 60 8.28 22.47 5.36
N ALA A 61 9.24 22.06 6.20
CA ALA A 61 9.01 20.97 7.14
C ALA A 61 7.87 21.29 8.15
N SER A 62 7.71 22.56 8.48
CA SER A 62 6.65 23.03 9.36
C SER A 62 5.24 22.92 8.78
N GLU A 63 5.14 22.67 7.47
CA GLU A 63 3.86 22.63 6.77
C GLU A 63 3.36 21.22 6.46
N PHE A 64 4.10 20.19 6.88
CA PHE A 64 3.80 18.81 6.55
C PHE A 64 2.40 18.39 7.01
N ASP A 65 2.01 18.75 8.23
CA ASP A 65 0.70 18.32 8.74
C ASP A 65 -0.44 18.94 7.94
N HIS A 66 -0.28 20.21 7.58
CA HIS A 66 -1.30 20.88 6.77
C HIS A 66 -1.40 20.28 5.39
N PHE A 67 -0.26 20.11 4.73
CA PHE A 67 -0.20 19.44 3.42
C PHE A 67 -0.94 18.11 3.43
N GLN A 68 -0.69 17.28 4.44
CA GLN A 68 -1.34 15.97 4.48
CA GLN A 68 -1.34 15.97 4.55
C GLN A 68 -2.85 16.09 4.69
N ALA A 69 -3.31 17.08 5.45
CA ALA A 69 -4.72 17.33 5.65
C ALA A 69 -5.39 17.75 4.34
N GLN A 70 -4.75 18.65 3.61
CA GLN A 70 -5.24 19.05 2.30
C GLN A 70 -5.36 17.85 1.38
N TYR A 71 -4.33 17.01 1.39
CA TYR A 71 -4.29 15.88 0.51
C TYR A 71 -5.44 14.99 0.81
N GLU A 72 -5.67 14.70 2.10
CA GLU A 72 -6.75 13.79 2.44
C GLU A 72 -8.12 14.35 2.07
N ASP A 73 -8.27 15.65 2.25
CA ASP A 73 -9.52 16.34 1.93
C ASP A 73 -9.87 16.28 0.45
N VAL A 74 -8.88 16.50 -0.40
CA VAL A 74 -9.08 16.46 -1.85
C VAL A 74 -9.25 15.05 -2.37
N ALA A 76 -10.57 12.59 -0.97
CA ALA A 76 -11.88 11.99 -0.67
C ALA A 76 -12.93 12.32 -1.75
N SER A 77 -12.63 13.25 -2.66
CA SER A 77 -13.45 13.48 -3.86
C SER A 77 -13.04 12.71 -5.12
N HIS A 78 -12.05 11.85 -5.03
CA HIS A 78 -11.45 11.22 -6.22
C HIS A 78 -11.47 9.70 -6.22
N TYR A 79 -12.19 9.07 -5.30
CA TYR A 79 -12.24 7.62 -5.29
C TYR A 79 -12.78 7.03 -6.58
N ASP A 80 -13.67 7.74 -7.27
CA ASP A 80 -14.20 7.24 -8.55
C ASP A 80 -13.16 7.26 -9.70
N GLN A 81 -12.03 7.92 -9.49
CA GLN A 81 -10.90 7.93 -10.41
C GLN A 81 -9.96 6.77 -10.12
N ILE A 82 -10.29 5.94 -9.12
CA ILE A 82 -9.45 4.81 -8.72
C ILE A 82 -10.22 3.54 -8.97
N GLU A 83 -9.62 2.66 -9.77
CA GLU A 83 -10.24 1.38 -10.04
C GLU A 83 -9.27 0.31 -9.53
N LEU A 84 -9.81 -0.86 -9.23
CA LEU A 84 -8.95 -2.04 -9.00
C LEU A 84 -8.19 -2.41 -10.27
N TYR A 85 -6.99 -2.94 -10.12
CA TYR A 85 -6.33 -3.61 -11.25
C TYR A 85 -7.17 -4.79 -11.72
N PRO A 86 -7.16 -5.06 -13.03
CA PRO A 86 -7.87 -6.26 -13.49
C PRO A 86 -7.24 -7.52 -12.91
N GLY A 87 -8.10 -8.48 -12.57
CA GLY A 87 -7.71 -9.76 -12.00
C GLY A 87 -7.83 -9.78 -10.49
N ILE A 88 -7.88 -8.61 -9.84
CA ILE A 88 -7.95 -8.57 -8.38
C ILE A 88 -9.26 -9.16 -7.86
N THR A 89 -10.39 -8.82 -8.47
CA THR A 89 -11.68 -9.37 -8.03
C THR A 89 -11.71 -10.92 -8.17
N SER A 90 -11.16 -11.42 -9.28
CA SER A 90 -11.09 -12.86 -9.54
C SER A 90 -10.16 -13.55 -8.57
N LEU A 91 -9.09 -12.85 -8.21
CA LEU A 91 -8.13 -13.39 -7.27
C LEU A 91 -8.82 -13.68 -5.95
N PHE A 92 -9.55 -12.71 -5.43
CA PHE A 92 -10.18 -12.86 -4.14
C PHE A 92 -11.34 -13.90 -4.13
N GLU A 93 -11.90 -14.17 -5.31
CA GLU A 93 -12.87 -15.28 -5.46
C GLU A 93 -12.20 -16.65 -5.36
N GLN A 94 -10.92 -16.73 -5.73
CA GLN A 94 -10.26 -18.03 -5.86
C GLN A 94 -9.29 -18.36 -4.70
N LEU A 95 -8.83 -17.35 -3.96
CA LEU A 95 -7.88 -17.63 -2.86
C LEU A 95 -8.52 -18.62 -1.84
N PRO A 96 -7.78 -19.63 -1.35
CA PRO A 96 -8.34 -20.58 -0.40
C PRO A 96 -8.92 -19.88 0.83
N SER A 97 -10.08 -20.35 1.26
CA SER A 97 -10.79 -19.78 2.39
C SER A 97 -10.05 -19.98 3.72
N GLU A 98 -9.16 -20.97 3.75
CA GLU A 98 -8.32 -21.22 4.91
C GLU A 98 -7.31 -20.08 5.19
N LEU A 99 -6.97 -19.26 4.19
CA LEU A 99 -6.04 -18.16 4.40
C LEU A 99 -6.59 -17.09 5.34
N ARG A 100 -5.70 -16.50 6.12
CA ARG A 100 -6.01 -15.23 6.76
C ARG A 100 -5.56 -14.11 5.86
N LEU A 101 -6.51 -13.30 5.41
CA LEU A 101 -6.20 -12.23 4.49
C LEU A 101 -6.27 -10.90 5.27
N GLY A 102 -5.39 -9.98 4.92
CA GLY A 102 -5.51 -8.64 5.47
C GLY A 102 -4.83 -7.56 4.64
N ILE A 103 -4.95 -6.35 5.18
CA ILE A 103 -4.44 -5.15 4.58
C ILE A 103 -3.53 -4.43 5.60
N VAL A 104 -2.39 -3.96 5.13
CA VAL A 104 -1.49 -3.12 5.92
C VAL A 104 -1.12 -1.93 5.05
N THR A 105 -1.68 -0.78 5.40
CA THR A 105 -1.60 0.39 4.52
C THR A 105 -1.19 1.62 5.32
N SER A 106 -0.57 2.56 4.62
CA SER A 106 -0.24 3.86 5.19
CA SER A 106 -0.25 3.85 5.20
C SER A 106 -1.41 4.83 5.08
N GLN A 107 -2.48 4.43 4.39
CA GLN A 107 -3.69 5.26 4.35
C GLN A 107 -4.27 5.46 5.75
N ARG A 108 -4.82 6.66 6.04
CA ARG A 108 -5.52 6.88 7.29
C ARG A 108 -6.83 6.09 7.28
N ARG A 109 -7.34 5.76 8.47
CA ARG A 109 -8.52 4.93 8.56
C ARG A 109 -9.71 5.55 7.80
N ASN A 110 -9.91 6.85 7.95
CA ASN A 110 -11.01 7.51 7.29
C ASN A 110 -10.93 7.31 5.78
N GLU A 111 -9.75 7.47 5.21
CA GLU A 111 -9.54 7.27 3.80
C GLU A 111 -9.73 5.83 3.39
N LEU A 112 -9.24 4.91 4.21
CA LEU A 112 -9.39 3.50 3.92
C LEU A 112 -10.87 3.13 3.87
N GLU A 113 -11.61 3.58 4.85
CA GLU A 113 -13.04 3.32 4.90
C GLU A 113 -13.83 3.90 3.74
N SER A 114 -13.68 5.21 3.51
N SER A 114 -13.65 5.20 3.50
CA SER A 114 -14.36 5.86 2.42
CA SER A 114 -14.38 5.89 2.42
C SER A 114 -14.00 5.23 1.07
C SER A 114 -13.94 5.45 1.00
N GLY A 115 -12.72 4.97 0.84
CA GLY A 115 -12.24 4.51 -0.45
C GLY A 115 -12.49 3.06 -0.75
N ARG A 117 -14.43 0.55 1.57
CA ARG A 117 -15.33 -0.29 2.34
C ARG A 117 -16.41 -0.94 1.45
N SER A 118 -16.74 -0.31 0.33
CA SER A 118 -17.74 -0.80 -0.59
C SER A 118 -17.34 -2.02 -1.43
N TYR A 119 -16.04 -2.25 -1.65
CA TYR A 119 -15.60 -3.44 -2.40
C TYR A 119 -15.94 -4.71 -1.65
N PRO A 120 -16.70 -5.60 -2.31
CA PRO A 120 -17.09 -6.84 -1.63
C PRO A 120 -15.92 -7.67 -1.08
N PHE A 121 -14.77 -7.62 -1.74
CA PHE A 121 -13.64 -8.45 -1.26
C PHE A 121 -13.18 -8.00 0.11
N ARG A 124 -13.73 -10.23 3.11
CA ARG A 124 -12.83 -11.39 3.32
C ARG A 124 -11.60 -11.05 4.17
N ALA A 126 -9.48 -10.32 7.25
CA ALA A 126 -9.46 -10.70 8.66
C ALA A 126 -8.94 -9.57 9.55
N VAL A 127 -8.14 -8.68 8.97
CA VAL A 127 -7.54 -7.55 9.68
C VAL A 127 -7.25 -6.45 8.66
N THR A 128 -7.44 -5.20 9.07
CA THR A 128 -6.93 -4.05 8.32
C THR A 128 -6.19 -3.16 9.33
N ILE A 129 -4.95 -2.84 8.98
CA ILE A 129 -4.13 -1.91 9.73
C ILE A 129 -3.90 -0.69 8.87
N SER A 130 -4.35 0.45 9.39
CA SER A 130 -4.16 1.74 8.74
C SER A 130 -3.14 2.51 9.54
N ALA A 131 -2.83 3.70 9.05
CA ALA A 131 -1.88 4.59 9.72
C ALA A 131 -2.32 4.86 11.15
N ASP A 132 -3.62 4.86 11.38
CA ASP A 132 -4.20 5.20 12.68
C ASP A 132 -4.12 4.09 13.73
N ASP A 133 -3.64 2.91 13.36
CA ASP A 133 -3.77 1.76 14.23
C ASP A 133 -2.49 1.37 14.98
N THR A 134 -1.38 1.99 14.64
CA THR A 134 -0.14 1.81 15.41
C THR A 134 0.58 3.15 15.44
N PRO A 135 1.47 3.35 16.41
CA PRO A 135 2.22 4.60 16.46
C PRO A 135 3.42 4.71 15.51
N LYS A 136 3.65 3.70 14.67
CA LYS A 136 4.77 3.73 13.74
C LYS A 136 4.24 3.52 12.35
N ARG A 137 5.04 3.89 11.37
CA ARG A 137 4.62 3.84 9.98
C ARG A 137 5.63 3.00 9.23
N LYS A 138 5.17 2.34 8.17
CA LYS A 138 6.09 1.69 7.24
C LYS A 138 7.17 2.70 6.86
N PRO A 139 8.44 2.27 6.71
CA PRO A 139 8.98 0.93 6.71
C PRO A 139 9.33 0.34 8.07
N ASP A 140 8.88 0.98 9.14
CA ASP A 140 8.96 0.29 10.44
C ASP A 140 8.14 -1.02 10.36
N PRO A 141 8.63 -2.11 10.96
CA PRO A 141 7.89 -3.38 10.89
C PRO A 141 6.60 -3.48 11.72
N LEU A 142 6.42 -2.58 12.69
CA LEU A 142 5.32 -2.68 13.65
C LEU A 142 3.93 -2.85 12.99
N PRO A 143 3.61 -2.04 11.96
CA PRO A 143 2.26 -2.23 11.40
C PRO A 143 2.04 -3.66 10.82
N LEU A 144 3.04 -4.22 10.14
CA LEU A 144 2.93 -5.60 9.62
C LEU A 144 2.87 -6.64 10.73
N LEU A 145 3.71 -6.47 11.75
CA LEU A 145 3.73 -7.42 12.83
C LEU A 145 2.42 -7.31 13.63
N THR A 146 1.84 -6.11 13.72
CA THR A 146 0.58 -5.96 14.44
C THR A 146 -0.53 -6.72 13.73
N ALA A 147 -0.56 -6.61 12.42
CA ALA A 147 -1.57 -7.31 11.62
C ALA A 147 -1.45 -8.80 11.83
N LEU A 148 -0.23 -9.31 11.77
CA LEU A 148 -0.06 -10.74 11.92
C LEU A 148 -0.39 -11.27 13.33
N GLU A 149 -0.11 -10.49 14.35
CA GLU A 149 -0.50 -10.84 15.70
C GLU A 149 -2.03 -10.95 15.82
N LYS A 150 -2.75 -10.04 15.17
CA LYS A 150 -4.21 -10.01 15.22
C LYS A 150 -4.88 -11.22 14.55
N VAL A 151 -4.22 -11.82 13.55
CA VAL A 151 -4.74 -13.05 12.91
C VAL A 151 -4.00 -14.31 13.39
N ASN A 152 -3.19 -14.18 14.46
CA ASN A 152 -2.48 -15.30 15.03
CA ASN A 152 -2.45 -15.29 15.04
C ASN A 152 -1.69 -16.11 14.01
N VAL A 153 -0.87 -15.43 13.22
CA VAL A 153 -0.01 -16.07 12.26
C VAL A 153 1.39 -15.54 12.47
N ALA A 154 2.34 -16.45 12.56
CA ALA A 154 3.73 -16.11 12.76
C ALA A 154 4.35 -15.51 11.48
N PRO A 155 5.35 -14.63 11.63
CA PRO A 155 6.01 -13.98 10.48
C PRO A 155 6.48 -14.96 9.43
N GLN A 156 7.00 -16.11 9.84
CA GLN A 156 7.51 -17.11 8.89
C GLN A 156 6.43 -17.69 8.00
N ASN A 157 5.17 -17.56 8.42
CA ASN A 157 4.05 -18.16 7.69
C ASN A 157 3.17 -17.15 6.96
N ALA A 158 3.72 -15.96 6.74
CA ALA A 158 3.04 -14.87 6.12
C ALA A 158 3.79 -14.38 4.86
N LEU A 159 3.03 -13.81 3.93
CA LEU A 159 3.58 -13.14 2.74
C LEU A 159 2.95 -11.76 2.67
N PHE A 160 3.80 -10.74 2.56
CA PHE A 160 3.35 -9.35 2.34
C PHE A 160 3.50 -9.05 0.86
N ILE A 161 2.39 -8.68 0.23
CA ILE A 161 2.33 -8.41 -1.19
C ILE A 161 2.15 -6.92 -1.41
N GLY A 162 3.11 -6.34 -2.12
CA GLY A 162 3.06 -4.93 -2.44
C GLY A 162 4.02 -4.54 -3.55
N ASP A 163 4.20 -3.24 -3.76
CA ASP A 163 5.06 -2.79 -4.88
C ASP A 163 5.81 -1.51 -4.55
N SER A 164 6.40 -1.46 -3.37
CA SER A 164 7.27 -0.33 -3.01
C SER A 164 8.45 -0.80 -2.21
N VAL A 165 9.53 -0.02 -2.25
CA VAL A 165 10.69 -0.27 -1.41
C VAL A 165 10.32 -0.19 0.08
N SER A 166 9.47 0.74 0.45
CA SER A 166 9.02 0.88 1.82
CA SER A 166 9.05 0.85 1.83
C SER A 166 8.35 -0.42 2.28
N ASP A 167 7.51 -1.00 1.42
CA ASP A 167 6.86 -2.27 1.77
C ASP A 167 7.89 -3.40 1.93
N GLU A 168 8.86 -3.42 1.00
CA GLU A 168 9.93 -4.40 1.03
C GLU A 168 10.75 -4.28 2.29
N GLN A 169 11.08 -3.07 2.68
CA GLN A 169 11.84 -2.87 3.90
C GLN A 169 11.05 -3.22 5.17
N THR A 170 9.75 -2.92 5.15
CA THR A 170 8.84 -3.33 6.24
C THR A 170 8.91 -4.84 6.44
N ALA A 171 8.77 -5.56 5.34
CA ALA A 171 8.77 -7.03 5.37
C ALA A 171 10.11 -7.61 5.88
N GLN A 172 11.20 -7.07 5.33
CA GLN A 172 12.55 -7.50 5.73
C GLN A 172 12.72 -7.30 7.23
N ALA A 173 12.33 -6.13 7.71
CA ALA A 173 12.48 -5.79 9.11
C ALA A 173 11.63 -6.72 10.00
N ALA A 174 10.47 -7.10 9.48
CA ALA A 174 9.56 -8.00 10.17
C ALA A 174 9.91 -9.49 10.07
N ASN A 175 10.91 -9.84 9.25
CA ASN A 175 11.23 -11.25 8.94
C ASN A 175 10.02 -11.97 8.27
N VAL A 176 9.38 -11.24 7.38
CA VAL A 176 8.24 -11.73 6.61
C VAL A 176 8.64 -11.71 5.13
N ASP A 177 8.33 -12.81 4.44
CA ASP A 177 8.57 -12.92 3.01
C ASP A 177 7.81 -11.82 2.26
N PHE A 178 8.38 -11.34 1.16
CA PHE A 178 7.75 -10.34 0.32
C PHE A 178 7.40 -10.90 -1.05
N GLY A 179 6.20 -10.58 -1.51
CA GLY A 179 5.70 -10.91 -2.83
C GLY A 179 5.51 -9.61 -3.62
N LEU A 180 6.25 -9.48 -4.70
CA LEU A 180 6.27 -8.30 -5.49
C LEU A 180 5.09 -8.36 -6.44
N ALA A 181 4.26 -7.31 -6.38
CA ALA A 181 3.20 -7.08 -7.38
C ALA A 181 3.79 -6.31 -8.57
N VAL A 182 4.31 -7.06 -9.53
CA VAL A 182 5.06 -6.49 -10.64
C VAL A 182 4.18 -5.55 -11.44
N TRP A 183 2.89 -5.84 -11.46
CA TRP A 183 1.95 -5.05 -12.25
C TRP A 183 1.78 -3.60 -11.80
N GLY A 184 2.20 -3.28 -10.59
CA GLY A 184 2.25 -1.90 -10.10
C GLY A 184 3.31 -1.06 -10.81
N ASP A 186 6.45 -0.28 -10.25
CA ASP A 186 7.42 0.58 -9.57
C ASP A 186 8.85 0.25 -9.97
N PRO A 187 9.59 1.25 -10.48
CA PRO A 187 10.94 0.86 -10.90
C PRO A 187 11.89 0.41 -9.79
N ASN A 188 11.87 1.06 -8.64
CA ASN A 188 12.83 0.69 -7.58
C ASN A 188 12.56 -0.63 -6.86
N ALA A 189 11.29 -0.86 -6.56
CA ALA A 189 10.84 -2.10 -5.91
C ALA A 189 11.25 -3.35 -6.70
N ASP A 190 11.25 -3.23 -8.03
CA ASP A 190 11.60 -4.31 -8.93
C ASP A 190 13.03 -4.86 -8.82
N HIS A 191 13.94 -4.09 -8.26
CA HIS A 191 15.36 -4.48 -8.25
C HIS A 191 15.75 -5.19 -7.00
N GLN A 192 14.89 -5.22 -5.99
CA GLN A 192 15.21 -5.86 -4.75
C GLN A 192 15.02 -7.39 -4.87
N LYS A 193 15.82 -8.15 -4.12
CA LYS A 193 15.63 -9.59 -4.03
C LYS A 193 14.41 -9.84 -3.14
N VAL A 194 13.46 -10.63 -3.63
CA VAL A 194 12.21 -10.91 -2.90
C VAL A 194 11.90 -12.39 -2.99
N ALA A 195 10.97 -12.87 -2.16
CA ALA A 195 10.61 -14.27 -2.10
C ALA A 195 9.83 -14.76 -3.33
N HIS A 196 8.95 -13.90 -3.85
CA HIS A 196 8.11 -14.22 -4.97
C HIS A 196 7.88 -12.96 -5.78
N ARG A 197 7.78 -13.17 -7.08
CA ARG A 197 7.47 -12.11 -8.00
CA ARG A 197 7.50 -12.15 -8.07
C ARG A 197 6.23 -12.54 -8.79
N PHE A 198 5.24 -11.66 -8.79
CA PHE A 198 3.96 -11.95 -9.46
C PHE A 198 3.74 -10.99 -10.60
N GLN A 199 3.78 -11.50 -11.82
CA GLN A 199 3.64 -10.70 -13.03
C GLN A 199 2.23 -10.14 -13.12
N LYS A 200 1.24 -10.94 -12.75
CA LYS A 200 -0.14 -10.49 -12.72
C LYS A 200 -0.85 -11.10 -11.51
N PRO A 201 -1.97 -10.50 -11.11
CA PRO A 201 -2.60 -10.92 -9.85
C PRO A 201 -2.92 -12.39 -9.69
N LEU A 202 -3.42 -13.02 -10.76
CA LEU A 202 -3.79 -14.43 -10.69
C LEU A 202 -2.60 -15.40 -10.47
N ASP A 203 -1.39 -14.91 -10.70
CA ASP A 203 -0.20 -15.70 -10.45
C ASP A 203 0.00 -16.02 -8.98
N ILE A 204 -0.59 -15.21 -8.10
CA ILE A 204 -0.59 -15.50 -6.65
C ILE A 204 -1.22 -16.88 -6.38
N LEU A 205 -2.21 -17.28 -7.18
CA LEU A 205 -2.84 -18.59 -6.98
C LEU A 205 -1.87 -19.72 -7.14
N GLU A 206 -0.79 -19.53 -7.88
CA GLU A 206 0.20 -20.59 -8.07
C GLU A 206 0.85 -21.03 -6.74
N LEU A 207 0.83 -20.17 -5.71
CA LEU A 207 1.31 -20.58 -4.39
C LEU A 207 0.43 -21.63 -3.72
N PHE A 208 -0.77 -21.83 -4.21
CA PHE A 208 -1.77 -22.70 -3.55
C PHE A 208 -2.29 -23.78 -4.49
#